data_3E2R
#
_entry.id   3E2R
#
_cell.length_a   72.648
_cell.length_b   140.102
_cell.length_c   146.665
_cell.angle_alpha   90.000
_cell.angle_beta   90.000
_cell.angle_gamma   90.000
#
_symmetry.space_group_name_H-M   'I 2 2 2'
#
loop_
_entity.id
_entity.type
_entity.pdbx_description
1 polymer 'Proline dehydrogenase'
2 non-polymer 'FLAVIN-ADENINE DINUCLEOTIDE'
3 non-polymer 'TETRAHYDROFURAN-2-CARBOXYLIC ACID'
4 non-polymer 'CITRIC ACID'
5 non-polymer 'PENTAETHYLENE GLYCOL'
6 water water
#
_entity_poly.entity_id   1
_entity_poly.type   'polypeptide(L)'
_entity_poly.pdbx_seq_one_letter_code
;LPQSVSRAAITAAYRRPETEAVSMLLEQARLPQPVAEQAHKLAYQLADKLRNQKNASGRAGMVQGLLQEFSLSSQEGVAL
MCLAEALLRIPDKATRDALIRDKISNGNWQSHIGRSPSLFVNAATWGLLFTGKLVSTHNEASLSRSLNRIIGKSGEPLIR
KGVDMAMRLMGEQFVTGETIAEALANARKLEEKGFRYSYDMLGEAALTAADAQAYMVSYQQAIHAIGKASNGRGIYEGPG
ISIKLSALHPRYSRAQYDRVMEELYPRLKSLTLLARQYDIGINIDAEESDRLEISLDLLEKLCFEPELAGWNGIGFVIQA
YQKRCPLVIDYLIDLATRSRRRLMIRLVKGAYWDSEIKRAQMDGLEGYPVYTRKVYTDVSYLACAKKLLAVPNLIYPQFA
THNAHTLAAIYQLAGQNYYPGQYEFQCLHGMGEPLYEQVTGKVADGKLNRPCRISAPVGTHETLLAYLVRRLLENGANTS
FVNRIADTSLPLDELVADPVTAVEKLAQQEGQTGLPHPKIPLPRDLYGHGRDNSAGLDLANEHRLHHHHHH
;
_entity_poly.pdbx_strand_id   A
#
# COMPACT_ATOMS: atom_id res chain seq x y z
N GLN A 3 23.35 1.02 -21.39
CA GLN A 3 22.90 0.87 -20.02
C GLN A 3 23.80 -0.07 -19.23
N SER A 4 23.78 0.05 -17.91
CA SER A 4 24.45 -0.91 -17.06
C SER A 4 23.74 -2.25 -17.18
N VAL A 5 24.37 -3.30 -16.67
CA VAL A 5 23.80 -4.63 -16.71
C VAL A 5 22.42 -4.68 -16.04
N SER A 6 22.33 -4.08 -14.85
CA SER A 6 21.08 -4.11 -14.09
C SER A 6 19.99 -3.24 -14.73
N ARG A 7 20.37 -2.05 -15.20
CA ARG A 7 19.42 -1.20 -15.91
C ARG A 7 18.92 -1.85 -17.20
N ALA A 8 19.81 -2.52 -17.92
CA ALA A 8 19.44 -3.21 -19.14
C ALA A 8 18.44 -4.33 -18.87
N ALA A 9 18.62 -5.04 -17.77
CA ALA A 9 17.75 -6.15 -17.43
C ALA A 9 16.35 -5.67 -17.06
N ILE A 10 16.28 -4.46 -16.49
CA ILE A 10 15.00 -3.84 -16.19
C ILE A 10 14.24 -3.57 -17.49
N THR A 11 14.90 -2.88 -18.42
CA THR A 11 14.29 -2.55 -19.70
C THR A 11 13.77 -3.80 -20.43
N ALA A 12 14.57 -4.86 -20.42
CA ALA A 12 14.19 -6.08 -21.12
C ALA A 12 12.97 -6.79 -20.51
N ALA A 13 12.65 -6.50 -19.26
CA ALA A 13 11.54 -7.17 -18.59
C ALA A 13 10.25 -6.34 -18.60
N TYR A 14 10.32 -5.13 -19.17
CA TYR A 14 9.21 -4.19 -19.17
C TYR A 14 7.83 -4.85 -19.36
N ARG A 15 7.65 -5.56 -20.46
CA ARG A 15 6.35 -6.17 -20.78
C ARG A 15 6.48 -7.67 -21.07
N ARG A 16 7.29 -8.37 -20.29
CA ARG A 16 7.53 -9.77 -20.57
C ARG A 16 6.22 -10.56 -20.40
N PRO A 17 6.03 -11.59 -21.24
CA PRO A 17 4.81 -12.40 -21.19
C PRO A 17 4.54 -12.90 -19.77
N GLU A 18 3.27 -12.91 -19.38
CA GLU A 18 2.91 -13.30 -18.02
C GLU A 18 3.26 -14.74 -17.68
N THR A 19 3.08 -15.65 -18.63
CA THR A 19 3.43 -17.04 -18.38
C THR A 19 4.89 -17.12 -17.94
N GLU A 20 5.74 -16.40 -18.66
CA GLU A 20 7.17 -16.38 -18.37
C GLU A 20 7.49 -15.72 -17.02
N ALA A 21 6.93 -14.54 -16.79
CA ALA A 21 7.24 -13.79 -15.58
C ALA A 21 6.77 -14.53 -14.32
N VAL A 22 5.55 -15.05 -14.35
CA VAL A 22 5.01 -15.75 -13.20
C VAL A 22 5.77 -17.05 -12.94
N SER A 23 6.10 -17.77 -14.00
CA SER A 23 6.81 -19.03 -13.87
C SER A 23 8.16 -18.84 -13.20
N MET A 24 8.83 -17.74 -13.51
CA MET A 24 10.15 -17.52 -12.93
C MET A 24 10.08 -17.03 -11.50
N LEU A 25 8.94 -16.47 -11.11
CA LEU A 25 8.78 -15.94 -9.75
C LEU A 25 8.38 -17.00 -8.75
N LEU A 26 7.81 -18.09 -9.22
CA LEU A 26 7.09 -19.02 -8.34
C LEU A 26 7.97 -19.62 -7.24
N GLU A 27 9.11 -20.17 -7.62
CA GLU A 27 9.97 -20.82 -6.64
C GLU A 27 10.64 -19.82 -5.70
N GLN A 28 10.80 -18.58 -6.14
CA GLN A 28 11.31 -17.54 -5.25
C GLN A 28 10.25 -17.08 -4.26
N ALA A 29 8.98 -17.20 -4.63
CA ALA A 29 7.90 -16.79 -3.75
C ALA A 29 7.47 -17.92 -2.80
N ARG A 30 7.78 -19.16 -3.15
CA ARG A 30 7.26 -20.28 -2.37
C ARG A 30 7.83 -20.29 -0.96
N LEU A 31 6.94 -20.35 0.03
CA LEU A 31 7.40 -20.46 1.42
C LEU A 31 7.65 -21.92 1.76
N PRO A 32 8.81 -22.21 2.38
CA PRO A 32 9.09 -23.58 2.83
C PRO A 32 7.94 -24.07 3.69
N GLN A 33 7.57 -25.34 3.55
CA GLN A 33 6.40 -25.90 4.24
C GLN A 33 6.23 -25.44 5.68
N PRO A 34 7.31 -25.51 6.49
CA PRO A 34 7.22 -25.08 7.89
C PRO A 34 6.85 -23.60 8.02
N VAL A 35 7.45 -22.76 7.19
CA VAL A 35 7.17 -21.33 7.22
C VAL A 35 5.76 -21.04 6.72
N ALA A 36 5.34 -21.74 5.67
CA ALA A 36 4.01 -21.54 5.12
C ALA A 36 2.95 -21.86 6.16
N GLU A 37 3.22 -22.88 6.98
CA GLU A 37 2.28 -23.31 8.00
C GLU A 37 2.14 -22.25 9.08
N GLN A 38 3.27 -21.68 9.50
CA GLN A 38 3.24 -20.65 10.53
C GLN A 38 2.60 -19.38 9.97
N ALA A 39 2.89 -19.06 8.72
CA ALA A 39 2.27 -17.91 8.06
C ALA A 39 0.76 -18.08 8.00
N HIS A 40 0.30 -19.27 7.64
CA HIS A 40 -1.14 -19.53 7.59
C HIS A 40 -1.81 -19.33 8.95
N LYS A 41 -1.25 -19.92 10.00
CA LYS A 41 -1.84 -19.81 11.34
C LYS A 41 -1.93 -18.35 11.77
N LEU A 42 -0.84 -17.61 11.59
CA LEU A 42 -0.81 -16.20 11.94
C LEU A 42 -1.80 -15.38 11.12
N ALA A 43 -1.79 -15.59 9.80
CA ALA A 43 -2.71 -14.88 8.91
C ALA A 43 -4.15 -15.14 9.36
N TYR A 44 -4.46 -16.42 9.61
CA TYR A 44 -5.80 -16.79 10.05
C TYR A 44 -6.19 -16.05 11.34
N GLN A 45 -5.27 -16.03 12.31
CA GLN A 45 -5.53 -15.38 13.61
C GLN A 45 -5.77 -13.88 13.46
N LEU A 46 -4.94 -13.23 12.67
CA LEU A 46 -5.10 -11.80 12.38
C LEU A 46 -6.44 -11.50 11.71
N ALA A 47 -6.75 -12.27 10.68
CA ALA A 47 -7.99 -12.08 9.93
C ALA A 47 -9.23 -12.39 10.78
N ASP A 48 -9.14 -13.42 11.62
CA ASP A 48 -10.23 -13.81 12.50
C ASP A 48 -10.54 -12.67 13.49
N LYS A 49 -9.50 -12.15 14.13
CA LYS A 49 -9.66 -11.08 15.10
C LYS A 49 -10.17 -9.80 14.44
N LEU A 50 -9.76 -9.58 13.20
CA LEU A 50 -10.11 -8.35 12.49
C LEU A 50 -11.57 -8.41 12.06
N ARG A 51 -11.94 -9.49 11.41
CA ARG A 51 -13.31 -9.66 10.93
C ARG A 51 -14.29 -9.76 12.08
N ASN A 52 -13.88 -10.40 13.17
CA ASN A 52 -14.80 -10.75 14.23
C ASN A 52 -14.57 -10.02 15.56
N GLN A 53 -13.94 -8.85 15.48
CA GLN A 53 -13.67 -8.05 16.68
C GLN A 53 -14.94 -7.80 17.48
N LYS A 54 -16.04 -7.53 16.78
CA LYS A 54 -17.32 -7.29 17.43
C LYS A 54 -18.30 -8.44 17.18
N ASN A 55 -17.74 -9.64 16.99
CA ASN A 55 -18.54 -10.86 16.87
C ASN A 55 -19.45 -10.87 15.64
N ALA A 56 -18.96 -10.31 14.53
CA ALA A 56 -19.75 -10.22 13.30
C ALA A 56 -20.20 -11.57 12.77
N SER A 57 -19.29 -12.53 12.71
CA SER A 57 -19.64 -13.86 12.19
C SER A 57 -20.58 -14.61 13.13
N GLY A 58 -20.31 -14.53 14.43
CA GLY A 58 -21.17 -15.16 15.41
C GLY A 58 -22.58 -14.59 15.38
N ARG A 59 -22.67 -13.27 15.31
CA ARG A 59 -23.97 -12.60 15.23
C ARG A 59 -24.69 -12.98 13.95
N ALA A 60 -23.94 -13.10 12.86
CA ALA A 60 -24.49 -13.50 11.57
C ALA A 60 -25.00 -14.94 11.60
N GLY A 61 -24.32 -15.79 12.36
CA GLY A 61 -24.71 -17.19 12.48
C GLY A 61 -25.96 -17.38 13.32
N MET A 62 -26.03 -16.67 14.44
CA MET A 62 -27.19 -16.73 15.31
C MET A 62 -28.45 -16.35 14.54
N VAL A 63 -28.30 -15.42 13.60
CA VAL A 63 -29.40 -15.00 12.75
C VAL A 63 -29.88 -16.15 11.86
N GLN A 64 -28.94 -16.74 11.12
CA GLN A 64 -29.25 -17.84 10.23
C GLN A 64 -29.91 -19.00 10.99
N GLY A 65 -29.47 -19.21 12.22
CA GLY A 65 -30.04 -20.26 13.06
C GLY A 65 -31.52 -20.08 13.30
N LEU A 66 -31.93 -18.85 13.59
CA LEU A 66 -33.34 -18.55 13.80
C LEU A 66 -34.09 -18.52 12.47
N LEU A 67 -33.34 -18.31 11.39
CA LEU A 67 -33.93 -18.31 10.04
C LEU A 67 -34.30 -19.73 9.63
N GLN A 68 -33.86 -20.71 10.41
CA GLN A 68 -34.15 -22.11 10.14
C GLN A 68 -35.14 -22.69 11.15
N GLU A 69 -34.97 -22.31 12.41
CA GLU A 69 -35.86 -22.78 13.48
C GLU A 69 -37.24 -22.16 13.37
N PHE A 70 -37.56 -21.63 12.19
CA PHE A 70 -38.86 -21.01 11.95
C PHE A 70 -39.13 -20.94 10.45
N SER A 71 -38.10 -21.26 9.65
CA SER A 71 -38.22 -21.21 8.20
C SER A 71 -38.74 -19.86 7.74
N LEU A 72 -38.01 -18.80 8.09
CA LEU A 72 -38.42 -17.45 7.75
C LEU A 72 -37.50 -16.82 6.69
N SER A 73 -38.02 -15.79 6.02
CA SER A 73 -37.22 -15.05 5.04
C SER A 73 -36.44 -13.96 5.76
N SER A 74 -35.61 -13.24 5.02
CA SER A 74 -34.82 -12.14 5.58
C SER A 74 -35.75 -11.05 6.11
N GLN A 75 -36.68 -10.61 5.28
CA GLN A 75 -37.64 -9.59 5.67
C GLN A 75 -38.50 -10.06 6.83
N GLU A 76 -38.70 -11.38 6.90
CA GLU A 76 -39.46 -11.97 7.99
C GLU A 76 -38.69 -11.86 9.30
N GLY A 77 -37.47 -12.39 9.31
CA GLY A 77 -36.61 -12.34 10.48
C GLY A 77 -36.48 -10.92 11.02
N VAL A 78 -36.18 -9.99 10.12
CA VAL A 78 -36.06 -8.58 10.49
C VAL A 78 -37.32 -8.07 11.18
N ALA A 79 -38.47 -8.34 10.57
CA ALA A 79 -39.75 -7.90 11.13
C ALA A 79 -39.92 -8.44 12.55
N LEU A 80 -39.54 -9.69 12.75
CA LEU A 80 -39.63 -10.32 14.06
C LEU A 80 -38.73 -9.59 15.07
N MET A 81 -37.52 -9.23 14.64
CA MET A 81 -36.58 -8.52 15.50
C MET A 81 -37.14 -7.17 15.92
N CYS A 82 -37.82 -6.49 15.00
CA CYS A 82 -38.44 -5.20 15.32
C CYS A 82 -39.52 -5.36 16.37
N LEU A 83 -40.30 -6.44 16.26
CA LEU A 83 -41.30 -6.77 17.26
C LEU A 83 -40.64 -7.09 18.60
N ALA A 84 -39.63 -7.96 18.57
CA ALA A 84 -38.88 -8.34 19.76
C ALA A 84 -38.29 -7.11 20.44
N GLU A 85 -37.82 -6.16 19.63
CA GLU A 85 -37.20 -4.94 20.14
C GLU A 85 -38.23 -4.08 20.86
N ALA A 86 -39.43 -4.00 20.30
CA ALA A 86 -40.49 -3.22 20.91
C ALA A 86 -40.96 -3.87 22.21
N LEU A 87 -40.96 -5.20 22.25
CA LEU A 87 -41.39 -5.92 23.44
C LEU A 87 -40.37 -5.75 24.56
N LEU A 88 -39.09 -5.68 24.20
CA LEU A 88 -38.04 -5.48 25.18
C LEU A 88 -38.02 -4.08 25.77
N ARG A 89 -38.80 -3.17 25.17
CA ARG A 89 -38.91 -1.81 25.70
C ARG A 89 -40.09 -1.67 26.66
N ILE A 90 -40.85 -2.74 26.85
CA ILE A 90 -41.85 -2.77 27.90
C ILE A 90 -41.10 -2.97 29.21
N PRO A 91 -41.22 -2.00 30.14
CA PRO A 91 -40.35 -1.95 31.33
C PRO A 91 -40.52 -3.14 32.27
N ASP A 92 -41.74 -3.66 32.39
CA ASP A 92 -42.04 -4.71 33.37
C ASP A 92 -42.30 -6.06 32.69
N LYS A 93 -41.56 -7.08 33.11
CA LYS A 93 -41.62 -8.38 32.46
C LYS A 93 -43.01 -8.99 32.46
N ALA A 94 -43.74 -8.84 33.57
CA ALA A 94 -45.09 -9.41 33.66
C ALA A 94 -46.01 -8.80 32.62
N THR A 95 -45.92 -7.49 32.44
CA THR A 95 -46.72 -6.78 31.45
C THR A 95 -46.38 -7.32 30.06
N ARG A 96 -45.08 -7.44 29.78
CA ARG A 96 -44.58 -7.98 28.52
C ARG A 96 -45.08 -9.40 28.27
N ASP A 97 -44.91 -10.26 29.27
CA ASP A 97 -45.36 -11.65 29.17
C ASP A 97 -46.85 -11.72 28.84
N ALA A 98 -47.64 -10.94 29.56
CA ALA A 98 -49.09 -10.97 29.41
C ALA A 98 -49.54 -10.48 28.03
N LEU A 99 -48.76 -9.58 27.44
CA LEU A 99 -49.04 -9.07 26.10
C LEU A 99 -48.83 -10.15 25.06
N GLY A 155 -28.93 20.52 -14.22
CA GLY A 155 -28.13 20.05 -15.34
C GLY A 155 -26.80 19.47 -14.87
N GLU A 156 -25.75 19.69 -15.65
CA GLU A 156 -24.43 19.21 -15.27
C GLU A 156 -23.90 19.88 -14.00
N PRO A 157 -24.24 21.17 -13.79
CA PRO A 157 -23.76 21.81 -12.56
C PRO A 157 -24.16 21.03 -11.31
N LEU A 158 -25.29 20.32 -11.38
CA LEU A 158 -25.71 19.45 -10.29
C LEU A 158 -24.79 18.25 -10.18
N ILE A 159 -24.51 17.62 -11.31
CA ILE A 159 -23.64 16.44 -11.36
C ILE A 159 -22.21 16.79 -10.93
N ARG A 160 -21.71 17.92 -11.39
CA ARG A 160 -20.39 18.40 -11.02
C ARG A 160 -20.33 18.67 -9.52
N LYS A 161 -21.39 19.28 -9.00
CA LYS A 161 -21.49 19.58 -7.59
C LYS A 161 -21.61 18.30 -6.77
N GLY A 162 -22.39 17.35 -7.30
CA GLY A 162 -22.58 16.07 -6.63
C GLY A 162 -21.30 15.26 -6.56
N VAL A 163 -20.58 15.20 -7.66
CA VAL A 163 -19.31 14.47 -7.71
C VAL A 163 -18.31 15.05 -6.71
N ASP A 164 -18.20 16.37 -6.68
CA ASP A 164 -17.28 17.03 -5.76
C ASP A 164 -17.65 16.77 -4.30
N MET A 165 -18.96 16.84 -4.01
CA MET A 165 -19.43 16.61 -2.65
C MET A 165 -19.21 15.17 -2.20
N ALA A 166 -19.53 14.23 -3.09
CA ALA A 166 -19.33 12.82 -2.82
C ALA A 166 -17.85 12.53 -2.56
N MET A 167 -16.99 13.23 -3.28
CA MET A 167 -15.54 13.08 -3.10
C MET A 167 -15.11 13.48 -1.68
N ARG A 168 -15.60 14.62 -1.22
CA ARG A 168 -15.27 15.12 0.10
C ARG A 168 -15.79 14.20 1.20
N LEU A 169 -17.03 13.77 1.05
CA LEU A 169 -17.68 12.91 2.04
C LEU A 169 -16.97 11.55 2.18
N MET A 170 -16.76 10.87 1.06
CA MET A 170 -16.09 9.57 1.09
C MET A 170 -14.59 9.68 1.40
N GLY A 171 -14.01 10.84 1.12
CA GLY A 171 -12.57 11.03 1.24
C GLY A 171 -12.10 11.37 2.63
N GLU A 172 -13.01 11.90 3.47
CA GLU A 172 -12.62 12.36 4.79
C GLU A 172 -11.90 11.27 5.58
N GLN A 173 -12.38 10.04 5.49
CA GLN A 173 -11.80 8.93 6.27
C GLN A 173 -10.36 8.63 5.89
N PHE A 174 -9.94 9.06 4.70
CA PHE A 174 -8.58 8.74 4.23
C PHE A 174 -7.58 9.86 4.46
N VAL A 175 -8.07 11.01 4.89
CA VAL A 175 -7.21 12.18 5.04
C VAL A 175 -6.85 12.42 6.49
N THR A 176 -5.56 12.62 6.75
CA THR A 176 -5.10 12.81 8.13
C THR A 176 -5.31 14.24 8.61
N GLY A 177 -4.97 15.20 7.74
CA GLY A 177 -5.22 16.61 8.02
C GLY A 177 -5.26 17.46 6.77
N GLU A 178 -5.92 18.61 6.83
CA GLU A 178 -5.96 19.51 5.69
C GLU A 178 -4.66 20.30 5.55
N THR A 179 -3.97 20.49 6.68
CA THR A 179 -2.68 21.15 6.71
C THR A 179 -1.70 20.29 7.52
N ILE A 180 -0.41 20.47 7.30
CA ILE A 180 0.59 19.66 7.99
C ILE A 180 0.51 19.84 9.50
N ALA A 181 0.19 21.05 9.95
CA ALA A 181 0.04 21.32 11.38
C ALA A 181 -1.09 20.48 11.97
N GLU A 182 -2.23 20.43 11.27
CA GLU A 182 -3.36 19.62 11.73
C GLU A 182 -2.99 18.14 11.74
N ALA A 183 -2.42 17.66 10.64
CA ALA A 183 -2.01 16.27 10.55
C ALA A 183 -1.07 15.89 11.69
N LEU A 184 -0.06 16.72 11.93
CA LEU A 184 0.91 16.44 12.99
C LEU A 184 0.25 16.39 14.37
N ALA A 185 -0.78 17.21 14.56
CA ALA A 185 -1.52 17.23 15.81
C ALA A 185 -2.17 15.88 16.09
N ASN A 186 -2.60 15.19 15.04
CA ASN A 186 -3.27 13.91 15.19
C ASN A 186 -2.32 12.72 15.20
N ALA A 187 -1.08 12.95 15.63
CA ALA A 187 -0.04 11.94 15.53
C ALA A 187 0.31 11.25 16.86
N ARG A 188 0.37 12.02 17.93
CA ARG A 188 0.79 11.48 19.23
C ARG A 188 -0.04 10.26 19.62
N LYS A 189 -1.35 10.34 19.39
CA LYS A 189 -2.27 9.27 19.77
C LYS A 189 -1.71 7.90 19.43
N LEU A 190 -1.34 7.68 18.17
CA LEU A 190 -0.79 6.40 17.75
C LEU A 190 0.73 6.33 17.87
N GLU A 191 1.40 7.47 17.78
CA GLU A 191 2.85 7.50 17.93
C GLU A 191 3.26 7.01 19.31
N GLU A 192 2.42 7.26 20.30
CA GLU A 192 2.70 6.82 21.66
C GLU A 192 2.50 5.31 21.79
N LYS A 193 1.81 4.73 20.81
CA LYS A 193 1.56 3.30 20.80
C LYS A 193 2.66 2.53 20.07
N GLY A 194 3.55 3.27 19.40
CA GLY A 194 4.63 2.66 18.66
C GLY A 194 4.46 2.80 17.15
N PHE A 195 3.39 3.48 16.74
CA PHE A 195 3.18 3.73 15.32
C PHE A 195 4.06 4.89 14.86
N ARG A 196 4.45 4.84 13.59
CA ARG A 196 5.23 5.92 13.00
C ARG A 196 4.40 6.52 11.87
N TYR A 197 4.81 7.69 11.37
CA TYR A 197 4.07 8.36 10.31
C TYR A 197 4.95 8.76 9.14
N SER A 198 4.34 8.80 7.96
CA SER A 198 4.95 9.39 6.78
C SER A 198 3.88 10.31 6.19
N TYR A 199 4.17 11.60 6.10
CA TYR A 199 3.18 12.55 5.61
C TYR A 199 3.30 12.69 4.11
N ASP A 200 2.19 12.41 3.42
CA ASP A 200 2.19 12.40 1.98
C ASP A 200 1.27 13.54 1.53
N MET A 201 1.86 14.60 1.01
CA MET A 201 1.11 15.76 0.59
C MET A 201 0.20 15.35 -0.56
N LEU A 202 -1.08 15.67 -0.46
CA LEU A 202 -2.01 15.38 -1.55
C LEU A 202 -1.76 16.42 -2.63
N GLY A 203 -1.80 16.01 -3.89
CA GLY A 203 -1.50 16.95 -4.94
C GLY A 203 -0.45 16.36 -5.86
N GLU A 204 -0.84 16.18 -7.11
CA GLU A 204 -0.03 15.41 -8.04
C GLU A 204 -0.29 15.92 -9.44
N ALA A 205 0.51 15.45 -10.39
CA ALA A 205 0.33 15.79 -11.79
C ALA A 205 0.15 17.30 -11.99
N ALA A 206 1.12 18.08 -11.52
CA ALA A 206 1.07 19.53 -11.72
C ALA A 206 0.92 19.82 -13.21
N LEU A 207 0.00 20.72 -13.55
CA LEU A 207 -0.27 21.03 -14.94
C LEU A 207 0.48 22.24 -15.44
N THR A 208 0.80 23.16 -14.53
CA THR A 208 1.49 24.38 -14.90
C THR A 208 2.73 24.61 -14.03
N ALA A 209 3.57 25.55 -14.44
CA ALA A 209 4.75 25.91 -13.67
C ALA A 209 4.35 26.44 -12.31
N ALA A 210 3.29 27.26 -12.28
CA ALA A 210 2.79 27.80 -11.02
C ALA A 210 2.38 26.67 -10.07
N ASP A 211 1.64 25.70 -10.59
CA ASP A 211 1.20 24.55 -9.81
C ASP A 211 2.38 23.86 -9.15
N ALA A 212 3.42 23.59 -9.94
CA ALA A 212 4.55 22.82 -9.45
C ALA A 212 5.29 23.62 -8.39
N GLN A 213 5.41 24.92 -8.61
CA GLN A 213 6.02 25.83 -7.64
C GLN A 213 5.29 25.78 -6.31
N ALA A 214 3.95 25.87 -6.36
CA ALA A 214 3.15 25.80 -5.15
C ALA A 214 3.37 24.49 -4.39
N TYR A 215 3.39 23.37 -5.11
CA TYR A 215 3.64 22.09 -4.47
C TYR A 215 5.01 22.06 -3.81
N MET A 216 6.00 22.61 -4.49
CA MET A 216 7.36 22.68 -3.96
C MET A 216 7.37 23.43 -2.63
N VAL A 217 6.74 24.59 -2.61
CA VAL A 217 6.67 25.41 -1.40
C VAL A 217 5.97 24.67 -0.28
N SER A 218 4.92 23.94 -0.64
CA SER A 218 4.20 23.14 0.33
C SER A 218 5.08 22.01 0.92
N TYR A 219 5.84 21.32 0.08
CA TYR A 219 6.77 20.29 0.57
C TYR A 219 7.82 20.87 1.51
N GLN A 220 8.40 22.01 1.13
CA GLN A 220 9.43 22.66 1.95
C GLN A 220 8.90 23.01 3.34
N GLN A 221 7.73 23.63 3.36
CA GLN A 221 7.03 23.98 4.59
CA GLN A 221 7.08 23.99 4.61
C GLN A 221 6.78 22.74 5.44
N ALA A 222 6.28 21.69 4.79
CA ALA A 222 5.99 20.43 5.48
C ALA A 222 7.24 19.82 6.12
N ILE A 223 8.35 19.85 5.39
CA ILE A 223 9.59 19.28 5.91
C ILE A 223 10.06 20.04 7.17
N HIS A 224 9.89 21.37 7.15
CA HIS A 224 10.23 22.18 8.33
C HIS A 224 9.38 21.78 9.53
N ALA A 225 8.07 21.61 9.30
CA ALA A 225 7.13 21.26 10.36
C ALA A 225 7.33 19.83 10.88
N ILE A 226 7.48 18.88 9.96
CA ILE A 226 7.72 17.49 10.34
C ILE A 226 9.06 17.37 11.06
N GLY A 227 10.06 18.07 10.52
CA GLY A 227 11.40 18.03 11.09
C GLY A 227 11.43 18.58 12.51
N LYS A 228 10.67 19.64 12.77
CA LYS A 228 10.60 20.22 14.10
C LYS A 228 9.86 19.30 15.06
N ALA A 229 8.81 18.66 14.57
CA ALA A 229 8.05 17.69 15.36
C ALA A 229 8.91 16.47 15.67
N SER A 230 9.69 16.01 14.70
CA SER A 230 10.54 14.84 14.88
C SER A 230 11.55 15.10 16.00
N ASN A 231 12.14 16.29 15.98
CA ASN A 231 13.03 16.74 17.05
C ASN A 231 14.18 15.76 17.30
N GLY A 232 14.80 15.28 16.23
CA GLY A 232 15.98 14.43 16.33
C GLY A 232 15.74 12.93 16.49
N ARG A 233 14.48 12.51 16.44
CA ARG A 233 14.15 11.10 16.58
C ARG A 233 14.75 10.21 15.49
N GLY A 234 15.04 10.81 14.33
CA GLY A 234 15.75 10.08 13.29
C GLY A 234 14.85 9.43 12.24
N ILE A 235 15.47 8.83 11.24
CA ILE A 235 14.74 8.35 10.06
C ILE A 235 13.91 7.10 10.33
N TYR A 236 14.24 6.35 11.39
CA TYR A 236 13.52 5.12 11.69
C TYR A 236 12.37 5.34 12.65
N GLU A 237 12.67 5.90 13.82
CA GLU A 237 11.67 6.07 14.87
C GLU A 237 10.80 7.29 14.65
N GLY A 238 11.32 8.26 13.90
CA GLY A 238 10.64 9.54 13.74
C GLY A 238 9.85 9.59 12.46
N PRO A 239 9.00 10.60 12.31
CA PRO A 239 8.16 10.73 11.11
C PRO A 239 8.98 11.15 9.89
N GLY A 240 8.47 10.88 8.70
CA GLY A 240 9.13 11.31 7.48
C GLY A 240 8.13 11.96 6.53
N ILE A 241 8.59 12.30 5.33
CA ILE A 241 7.71 12.87 4.32
C ILE A 241 7.76 12.01 3.07
N SER A 242 6.69 12.07 2.28
CA SER A 242 6.62 11.30 1.06
C SER A 242 6.25 12.25 -0.07
N ILE A 243 6.95 12.15 -1.20
CA ILE A 243 6.74 13.10 -2.28
C ILE A 243 6.38 12.41 -3.60
N LYS A 244 5.67 13.14 -4.44
CA LYS A 244 5.34 12.66 -5.78
C LYS A 244 6.10 13.50 -6.80
N LEU A 245 6.93 12.86 -7.61
CA LEU A 245 7.71 13.57 -8.62
C LEU A 245 6.80 14.36 -9.59
N SER A 246 5.61 13.83 -9.88
CA SER A 246 4.69 14.49 -10.80
C SER A 246 4.23 15.86 -10.28
N ALA A 247 4.37 16.07 -8.98
CA ALA A 247 3.97 17.34 -8.37
C ALA A 247 5.03 18.43 -8.56
N LEU A 248 6.25 18.01 -8.88
CA LEU A 248 7.39 18.93 -8.85
C LEU A 248 7.79 19.40 -10.23
N HIS A 249 7.10 18.91 -11.24
CA HIS A 249 7.44 19.27 -12.61
C HIS A 249 6.16 19.33 -13.45
N PRO A 250 5.94 20.45 -14.13
CA PRO A 250 4.71 20.60 -14.93
C PRO A 250 4.64 19.53 -16.01
N ARG A 251 3.48 18.92 -16.17
CA ARG A 251 3.26 17.95 -17.25
C ARG A 251 4.29 16.84 -17.22
N TYR A 252 4.57 16.33 -16.02
CA TYR A 252 5.52 15.25 -15.80
C TYR A 252 5.24 14.04 -16.67
N SER A 253 3.95 13.75 -16.89
CA SER A 253 3.56 12.57 -17.65
C SER A 253 4.28 12.46 -18.99
N ARG A 254 4.58 13.59 -19.64
CA ARG A 254 5.25 13.55 -20.92
C ARG A 254 6.57 14.31 -20.95
N ALA A 255 7.10 14.61 -19.77
CA ALA A 255 8.34 15.38 -19.69
C ALA A 255 9.54 14.62 -20.24
N GLN A 256 10.45 15.35 -20.91
CA GLN A 256 11.64 14.78 -21.50
C GLN A 256 12.78 14.76 -20.49
N TYR A 257 13.74 13.84 -20.69
CA TYR A 257 14.84 13.66 -19.76
C TYR A 257 15.59 14.95 -19.44
N ASP A 258 15.96 15.71 -20.47
CA ASP A 258 16.76 16.92 -20.28
C ASP A 258 16.09 17.95 -19.36
N ARG A 259 14.81 18.19 -19.60
CA ARG A 259 14.06 19.17 -18.82
C ARG A 259 13.87 18.70 -17.37
N VAL A 260 13.64 17.40 -17.19
CA VAL A 260 13.47 16.84 -15.85
C VAL A 260 14.74 17.02 -15.03
N MET A 261 15.89 16.71 -15.62
CA MET A 261 17.16 16.87 -14.92
C MET A 261 17.47 18.33 -14.62
N GLU A 262 17.13 19.21 -15.56
CA GLU A 262 17.42 20.63 -15.39
C GLU A 262 16.52 21.28 -14.34
N GLU A 263 15.27 20.84 -14.28
CA GLU A 263 14.27 21.55 -13.48
C GLU A 263 13.76 20.74 -12.28
N LEU A 264 13.47 19.47 -12.50
CA LEU A 264 12.91 18.67 -11.43
C LEU A 264 14.00 18.28 -10.44
N TYR A 265 15.13 17.82 -10.96
CA TYR A 265 16.19 17.31 -10.09
C TYR A 265 16.70 18.32 -9.06
N PRO A 266 16.89 19.58 -9.46
CA PRO A 266 17.39 20.51 -8.44
C PRO A 266 16.40 20.66 -7.29
N ARG A 267 15.11 20.51 -7.59
CA ARG A 267 14.07 20.56 -6.57
C ARG A 267 14.13 19.32 -5.66
N LEU A 268 14.25 18.14 -6.28
CA LEU A 268 14.36 16.92 -5.51
C LEU A 268 15.58 16.99 -4.59
N LYS A 269 16.71 17.46 -5.13
CA LYS A 269 17.93 17.61 -4.34
C LYS A 269 17.74 18.54 -3.15
N SER A 270 17.10 19.68 -3.41
CA SER A 270 16.87 20.69 -2.39
C SER A 270 16.04 20.14 -1.22
N LEU A 271 14.95 19.46 -1.55
CA LEU A 271 14.09 18.86 -0.52
C LEU A 271 14.83 17.78 0.27
N THR A 272 15.64 16.99 -0.42
CA THR A 272 16.33 15.89 0.23
C THR A 272 17.39 16.43 1.19
N LEU A 273 18.08 17.49 0.77
CA LEU A 273 19.04 18.14 1.66
C LEU A 273 18.36 18.70 2.92
N LEU A 274 17.19 19.27 2.75
CA LEU A 274 16.43 19.81 3.88
C LEU A 274 15.98 18.71 4.82
N ALA A 275 15.55 17.58 4.26
CA ALA A 275 15.16 16.43 5.06
C ALA A 275 16.36 15.93 5.86
N ARG A 276 17.53 15.92 5.22
CA ARG A 276 18.73 15.45 5.90
C ARG A 276 19.08 16.35 7.07
N GLN A 277 18.90 17.66 6.90
CA GLN A 277 19.21 18.62 7.96
C GLN A 277 18.39 18.32 9.21
N TYR A 278 17.16 17.85 9.01
CA TYR A 278 16.30 17.49 10.14
C TYR A 278 16.38 16.01 10.50
N ASP A 279 17.18 15.26 9.74
CA ASP A 279 17.28 13.80 9.91
C ASP A 279 15.92 13.11 9.90
N ILE A 280 15.09 13.43 8.89
CA ILE A 280 13.85 12.70 8.68
C ILE A 280 13.90 11.96 7.34
N GLY A 281 13.15 10.87 7.22
CA GLY A 281 13.13 10.13 5.98
C GLY A 281 12.43 10.95 4.91
N ILE A 282 12.87 10.79 3.66
CA ILE A 282 12.15 11.39 2.53
C ILE A 282 11.98 10.32 1.45
N ASN A 283 10.72 10.00 1.17
CA ASN A 283 10.38 8.88 0.32
C ASN A 283 9.83 9.36 -1.02
N ILE A 284 10.26 8.70 -2.10
CA ILE A 284 9.79 9.02 -3.44
C ILE A 284 8.69 8.02 -3.83
N ASP A 285 7.45 8.49 -3.89
CA ASP A 285 6.32 7.66 -4.29
C ASP A 285 6.50 7.16 -5.71
N ALA A 286 5.92 6.00 -6.00
CA ALA A 286 5.95 5.44 -7.34
C ALA A 286 4.62 5.75 -8.00
N GLU A 287 4.65 6.21 -9.23
CA GLU A 287 3.42 6.58 -9.93
C GLU A 287 3.20 5.69 -11.16
N GLU A 288 2.81 6.27 -12.29
CA GLU A 288 2.51 5.42 -13.44
C GLU A 288 3.75 4.73 -14.00
N SER A 289 3.56 3.58 -14.64
CA SER A 289 4.69 2.75 -15.02
C SER A 289 5.62 3.39 -16.05
N ASP A 290 5.10 4.26 -16.92
CA ASP A 290 5.99 4.88 -17.89
C ASP A 290 6.87 5.97 -17.26
N ARG A 291 6.77 6.16 -15.96
CA ARG A 291 7.66 7.11 -15.27
C ARG A 291 8.71 6.39 -14.42
N LEU A 292 8.67 5.06 -14.39
CA LEU A 292 9.68 4.30 -13.65
C LEU A 292 11.10 4.68 -14.07
N GLU A 293 11.36 4.62 -15.38
CA GLU A 293 12.72 4.86 -15.87
C GLU A 293 13.30 6.22 -15.46
N ILE A 294 12.55 7.29 -15.68
CA ILE A 294 13.05 8.60 -15.31
C ILE A 294 13.23 8.71 -13.80
N SER A 295 12.36 8.06 -13.01
CA SER A 295 12.53 8.11 -11.55
C SER A 295 13.82 7.43 -11.09
N LEU A 296 14.25 6.38 -11.80
CA LEU A 296 15.52 5.74 -11.47
C LEU A 296 16.72 6.62 -11.81
N ASP A 297 16.61 7.35 -12.92
CA ASP A 297 17.65 8.30 -13.29
C ASP A 297 17.80 9.38 -12.22
N LEU A 298 16.68 9.85 -11.70
CA LEU A 298 16.70 10.87 -10.64
C LEU A 298 17.27 10.32 -9.33
N LEU A 299 16.88 9.10 -8.98
CA LEU A 299 17.38 8.45 -7.76
C LEU A 299 18.88 8.23 -7.83
N GLU A 300 19.35 7.76 -8.98
CA GLU A 300 20.77 7.50 -9.21
C GLU A 300 21.62 8.74 -8.93
N LYS A 301 21.22 9.87 -9.51
CA LYS A 301 21.95 11.12 -9.34
C LYS A 301 21.92 11.58 -7.89
N LEU A 302 20.75 11.46 -7.27
CA LEU A 302 20.54 11.89 -5.89
C LEU A 302 21.48 11.16 -4.95
N CYS A 303 21.57 9.85 -5.12
CA CYS A 303 22.36 9.02 -4.21
C CYS A 303 23.85 9.34 -4.24
N PHE A 304 24.29 10.04 -5.26
CA PHE A 304 25.72 10.38 -5.34
C PHE A 304 26.06 11.82 -4.96
N GLU A 305 25.07 12.56 -4.47
CA GLU A 305 25.32 13.92 -3.98
C GLU A 305 26.26 13.88 -2.77
N PRO A 306 27.37 14.63 -2.84
CA PRO A 306 28.34 14.63 -1.75
C PRO A 306 27.71 15.00 -0.40
N GLU A 307 26.75 15.92 -0.43
CA GLU A 307 26.10 16.39 0.78
C GLU A 307 25.22 15.34 1.44
N LEU A 308 24.94 14.26 0.73
CA LEU A 308 24.11 13.20 1.26
C LEU A 308 24.92 11.97 1.64
N ALA A 309 26.24 12.05 1.49
CA ALA A 309 27.09 10.91 1.78
C ALA A 309 26.95 10.47 3.24
N GLY A 310 26.81 9.16 3.46
CA GLY A 310 26.72 8.61 4.79
C GLY A 310 25.36 8.78 5.44
N TRP A 311 24.40 9.34 4.70
CA TRP A 311 23.05 9.50 5.22
C TRP A 311 22.11 8.52 4.50
N ASN A 312 21.27 7.84 5.27
CA ASN A 312 20.49 6.71 4.76
C ASN A 312 18.99 6.98 4.77
N GLY A 313 18.63 8.26 4.68
CA GLY A 313 17.24 8.65 4.79
C GLY A 313 16.49 8.75 3.47
N ILE A 314 17.17 8.46 2.37
CA ILE A 314 16.50 8.44 1.06
C ILE A 314 15.64 7.19 0.93
N GLY A 315 14.37 7.39 0.59
CA GLY A 315 13.44 6.27 0.41
C GLY A 315 12.88 6.21 -0.99
N PHE A 316 12.45 5.02 -1.42
CA PHE A 316 11.99 4.84 -2.79
C PHE A 316 10.98 3.70 -2.83
N VAL A 317 9.83 3.94 -3.47
CA VAL A 317 8.79 2.91 -3.59
C VAL A 317 9.03 2.06 -4.82
N ILE A 318 8.81 0.75 -4.69
CA ILE A 318 8.76 -0.11 -5.85
C ILE A 318 7.45 -0.89 -5.84
N GLN A 319 6.87 -1.06 -7.02
CA GLN A 319 5.53 -1.64 -7.16
C GLN A 319 5.61 -3.09 -7.64
N ALA A 320 5.18 -4.01 -6.79
CA ALA A 320 5.25 -5.44 -7.09
C ALA A 320 4.33 -5.86 -8.23
N TYR A 321 3.34 -5.03 -8.58
CA TYR A 321 2.45 -5.44 -9.69
C TYR A 321 3.11 -5.27 -11.05
N GLN A 322 4.29 -4.66 -11.07
CA GLN A 322 5.06 -4.52 -12.31
C GLN A 322 5.96 -5.72 -12.54
N LYS A 323 6.05 -6.15 -13.79
CA LYS A 323 6.95 -7.22 -14.16
C LYS A 323 8.42 -6.85 -13.94
N ARG A 324 8.70 -5.55 -13.96
CA ARG A 324 10.07 -5.10 -13.75
C ARG A 324 10.54 -5.13 -12.29
N CYS A 325 9.64 -5.35 -11.34
CA CYS A 325 9.97 -5.13 -9.92
C CYS A 325 11.23 -5.88 -9.41
N PRO A 326 11.32 -7.20 -9.67
CA PRO A 326 12.52 -7.87 -9.16
C PRO A 326 13.82 -7.36 -9.81
N LEU A 327 13.73 -6.95 -11.07
CA LEU A 327 14.90 -6.39 -11.76
C LEU A 327 15.27 -5.01 -11.20
N VAL A 328 14.25 -4.25 -10.80
CA VAL A 328 14.50 -2.97 -10.15
C VAL A 328 15.22 -3.22 -8.82
N ILE A 329 14.85 -4.28 -8.12
CA ILE A 329 15.53 -4.60 -6.87
C ILE A 329 17.02 -4.90 -7.09
N ASP A 330 17.34 -5.66 -8.14
CA ASP A 330 18.74 -5.95 -8.46
C ASP A 330 19.51 -4.66 -8.69
N TYR A 331 18.89 -3.74 -9.44
CA TYR A 331 19.47 -2.41 -9.66
C TYR A 331 19.67 -1.65 -8.34
N LEU A 332 18.65 -1.64 -7.49
CA LEU A 332 18.71 -0.90 -6.23
C LEU A 332 19.80 -1.45 -5.31
N ILE A 333 19.93 -2.77 -5.30
CA ILE A 333 20.98 -3.43 -4.51
C ILE A 333 22.35 -2.96 -4.96
N ASP A 334 22.56 -2.94 -6.28
CA ASP A 334 23.82 -2.45 -6.83
C ASP A 334 24.03 -0.96 -6.52
N LEU A 335 22.96 -0.18 -6.58
CA LEU A 335 23.04 1.26 -6.30
C LEU A 335 23.42 1.57 -4.86
N ALA A 336 22.79 0.86 -3.91
CA ALA A 336 23.17 0.99 -2.50
C ALA A 336 24.65 0.69 -2.29
N THR A 337 25.12 -0.37 -2.93
CA THR A 337 26.53 -0.74 -2.84
C THR A 337 27.43 0.34 -3.42
N ARG A 338 27.16 0.77 -4.65
CA ARG A 338 27.97 1.79 -5.31
C ARG A 338 27.95 3.15 -4.62
N SER A 339 26.80 3.54 -4.10
CA SER A 339 26.69 4.86 -3.45
C SER A 339 26.89 4.78 -1.94
N ARG A 340 27.26 3.59 -1.46
CA ARG A 340 27.62 3.37 -0.06
C ARG A 340 26.54 3.86 0.91
N ARG A 341 25.33 3.31 0.81
CA ARG A 341 24.23 3.72 1.67
CA ARG A 341 24.29 3.67 1.75
C ARG A 341 23.26 2.56 1.88
N ARG A 342 22.39 2.71 2.86
CA ARG A 342 21.28 1.80 3.05
C ARG A 342 20.06 2.54 2.52
N LEU A 343 19.37 1.96 1.55
CA LEU A 343 18.18 2.60 0.97
C LEU A 343 16.95 2.15 1.75
N MET A 344 16.05 3.09 2.01
CA MET A 344 14.76 2.74 2.60
C MET A 344 13.85 2.40 1.42
N ILE A 345 13.46 1.14 1.31
CA ILE A 345 12.68 0.72 0.13
C ILE A 345 11.28 0.30 0.56
N ARG A 346 10.26 1.00 0.07
CA ARG A 346 8.89 0.60 0.34
C ARG A 346 8.44 -0.36 -0.74
N LEU A 347 8.14 -1.60 -0.36
CA LEU A 347 7.59 -2.57 -1.27
C LEU A 347 6.07 -2.49 -1.18
N VAL A 348 5.43 -2.16 -2.30
CA VAL A 348 3.98 -2.05 -2.34
C VAL A 348 3.49 -2.92 -3.50
N LYS A 349 2.19 -3.17 -3.57
CA LYS A 349 1.69 -3.84 -4.75
C LYS A 349 1.52 -2.84 -5.90
N GLY A 350 0.66 -1.83 -5.71
CA GLY A 350 0.56 -0.74 -6.68
C GLY A 350 -0.83 -0.13 -6.68
N ALA A 351 -0.92 1.18 -6.91
CA ALA A 351 -2.19 1.88 -6.76
C ALA A 351 -2.91 2.22 -8.07
N TYR A 352 -2.26 1.96 -9.20
CA TYR A 352 -2.77 2.48 -10.47
C TYR A 352 -3.22 1.39 -11.43
N TRP A 353 -3.53 0.20 -10.91
CA TRP A 353 -3.72 -0.95 -11.78
C TRP A 353 -4.79 -0.72 -12.87
N ASP A 354 -5.93 -0.17 -12.48
CA ASP A 354 -7.02 -0.03 -13.44
C ASP A 354 -6.62 0.86 -14.60
N SER A 355 -5.90 1.94 -14.29
CA SER A 355 -5.43 2.86 -15.32
C SER A 355 -4.32 2.27 -16.17
N GLU A 356 -3.43 1.50 -15.54
CA GLU A 356 -2.38 0.80 -16.28
C GLU A 356 -2.97 -0.13 -17.36
N ILE A 357 -4.01 -0.88 -17.00
CA ILE A 357 -4.63 -1.78 -17.97
C ILE A 357 -5.21 -0.96 -19.13
N LYS A 358 -5.90 0.13 -18.79
CA LYS A 358 -6.54 0.96 -19.82
C LYS A 358 -5.50 1.59 -20.76
N ARG A 359 -4.42 2.09 -20.17
CA ARG A 359 -3.34 2.71 -20.95
C ARG A 359 -2.72 1.71 -21.93
N ALA A 360 -2.46 0.50 -21.45
CA ALA A 360 -1.80 -0.51 -22.28
C ALA A 360 -2.68 -0.91 -23.46
N GLN A 361 -3.99 -0.97 -23.22
CA GLN A 361 -4.93 -1.37 -24.26
C GLN A 361 -5.09 -0.27 -25.30
N MET A 362 -4.77 0.95 -24.91
CA MET A 362 -4.84 2.08 -25.83
C MET A 362 -3.57 2.20 -26.67
N ASP A 363 -2.43 1.87 -26.07
CA ASP A 363 -1.15 1.99 -26.75
C ASP A 363 -0.87 0.85 -27.72
N GLY A 364 -1.64 -0.23 -27.60
CA GLY A 364 -1.52 -1.38 -28.50
C GLY A 364 -0.14 -1.98 -28.59
N LEU A 365 0.57 -2.07 -27.47
CA LEU A 365 1.91 -2.66 -27.45
C LEU A 365 1.86 -4.18 -27.25
N GLU A 366 3.03 -4.82 -27.18
CA GLU A 366 3.09 -6.27 -27.16
C GLU A 366 2.57 -6.90 -25.86
N GLY A 367 2.33 -6.09 -24.84
CA GLY A 367 1.85 -6.62 -23.58
C GLY A 367 1.61 -5.59 -22.49
N TYR A 368 1.39 -6.07 -21.28
CA TYR A 368 1.12 -5.20 -20.14
C TYR A 368 2.38 -5.05 -19.28
N PRO A 369 2.56 -3.86 -18.68
CA PRO A 369 3.69 -3.68 -17.75
C PRO A 369 3.37 -4.20 -16.34
N VAL A 370 2.10 -4.52 -16.10
CA VAL A 370 1.66 -5.07 -14.83
C VAL A 370 1.02 -6.44 -15.04
N TYR A 371 0.90 -7.24 -13.98
CA TYR A 371 0.18 -8.51 -14.06
C TYR A 371 -1.31 -8.25 -14.26
N THR A 372 -2.03 -9.27 -14.74
CA THR A 372 -3.45 -9.13 -15.02
C THR A 372 -4.33 -9.94 -14.06
N ARG A 373 -3.72 -10.87 -13.34
CA ARG A 373 -4.40 -11.54 -12.23
C ARG A 373 -3.83 -11.10 -10.88
N LYS A 374 -4.71 -10.83 -9.93
CA LYS A 374 -4.28 -10.26 -8.64
C LYS A 374 -3.33 -11.22 -7.90
N VAL A 375 -3.61 -12.51 -7.99
CA VAL A 375 -2.77 -13.51 -7.30
C VAL A 375 -1.32 -13.48 -7.81
N TYR A 376 -1.10 -13.08 -9.05
CA TYR A 376 0.26 -12.96 -9.56
C TYR A 376 0.99 -11.81 -8.89
N THR A 377 0.29 -10.70 -8.67
CA THR A 377 0.90 -9.58 -7.95
C THR A 377 1.27 -10.03 -6.54
N ASP A 378 0.44 -10.87 -5.93
CA ASP A 378 0.74 -11.39 -4.59
C ASP A 378 2.02 -12.21 -4.59
N VAL A 379 2.16 -13.08 -5.59
CA VAL A 379 3.36 -13.89 -5.76
C VAL A 379 4.59 -13.01 -6.00
N SER A 380 4.45 -12.02 -6.87
CA SER A 380 5.54 -11.05 -7.10
C SER A 380 5.98 -10.40 -5.79
N TYR A 381 5.02 -9.97 -4.99
CA TYR A 381 5.33 -9.31 -3.72
C TYR A 381 6.16 -10.23 -2.81
N LEU A 382 5.77 -11.48 -2.66
CA LEU A 382 6.51 -12.39 -1.76
C LEU A 382 7.93 -12.66 -2.25
N ALA A 383 8.08 -12.89 -3.55
CA ALA A 383 9.40 -13.11 -4.13
C ALA A 383 10.28 -11.87 -3.94
N CYS A 384 9.69 -10.70 -4.15
CA CYS A 384 10.43 -9.46 -3.96
C CYS A 384 10.78 -9.22 -2.50
N ALA A 385 9.88 -9.60 -1.61
CA ALA A 385 10.14 -9.42 -0.17
C ALA A 385 11.35 -10.23 0.26
N LYS A 386 11.45 -11.46 -0.23
CA LYS A 386 12.59 -12.32 0.10
C LYS A 386 13.90 -11.68 -0.35
N LYS A 387 13.90 -11.14 -1.57
CA LYS A 387 15.07 -10.48 -2.12
C LYS A 387 15.49 -9.29 -1.26
N LEU A 388 14.53 -8.50 -0.81
CA LEU A 388 14.85 -7.33 0.01
C LEU A 388 15.40 -7.74 1.37
N LEU A 389 14.78 -8.74 1.98
CA LEU A 389 15.20 -9.18 3.32
C LEU A 389 16.59 -9.81 3.33
N ALA A 390 17.06 -10.28 2.17
CA ALA A 390 18.38 -10.91 2.11
C ALA A 390 19.56 -9.95 2.26
N VAL A 391 19.32 -8.65 2.11
CA VAL A 391 20.40 -7.66 2.10
C VAL A 391 20.22 -6.52 3.09
N PRO A 392 20.16 -6.84 4.39
CA PRO A 392 19.86 -5.87 5.43
C PRO A 392 20.90 -4.75 5.54
N ASN A 393 22.12 -4.98 5.06
CA ASN A 393 23.12 -3.92 5.05
C ASN A 393 22.87 -2.89 3.94
N LEU A 394 22.09 -3.27 2.94
CA LEU A 394 21.89 -2.41 1.77
C LEU A 394 20.50 -1.77 1.72
N ILE A 395 19.53 -2.42 2.34
CA ILE A 395 18.15 -2.00 2.20
C ILE A 395 17.44 -2.10 3.54
N TYR A 396 16.67 -1.07 3.86
CA TYR A 396 15.73 -1.15 4.96
C TYR A 396 14.36 -1.33 4.33
N PRO A 397 13.83 -2.56 4.39
CA PRO A 397 12.56 -2.79 3.69
C PRO A 397 11.36 -2.34 4.51
N GLN A 398 10.38 -1.76 3.82
CA GLN A 398 9.19 -1.25 4.45
C GLN A 398 8.01 -1.89 3.71
N PHE A 399 7.35 -2.83 4.38
CA PHE A 399 6.38 -3.68 3.74
C PHE A 399 4.96 -3.12 3.91
N ALA A 400 4.52 -2.44 2.87
CA ALA A 400 3.22 -1.81 2.84
C ALA A 400 2.17 -2.83 2.42
N THR A 401 1.20 -3.07 3.30
CA THR A 401 0.11 -3.99 3.00
C THR A 401 -1.01 -3.91 4.05
N HIS A 402 -2.24 -4.14 3.61
CA HIS A 402 -3.38 -4.27 4.52
C HIS A 402 -3.85 -5.73 4.53
N ASN A 403 -3.08 -6.58 3.88
CA ASN A 403 -3.43 -7.99 3.67
C ASN A 403 -2.84 -8.87 4.77
N ALA A 404 -3.71 -9.55 5.52
CA ALA A 404 -3.25 -10.37 6.66
C ALA A 404 -2.29 -11.49 6.29
N HIS A 405 -2.50 -12.10 5.13
CA HIS A 405 -1.58 -13.15 4.69
C HIS A 405 -0.23 -12.56 4.29
N THR A 406 -0.25 -11.47 3.52
CA THR A 406 0.98 -10.82 3.10
C THR A 406 1.79 -10.43 4.33
N LEU A 407 1.11 -9.86 5.32
CA LEU A 407 1.76 -9.43 6.56
C LEU A 407 2.40 -10.63 7.28
N ALA A 408 1.61 -11.68 7.47
CA ALA A 408 2.06 -12.88 8.18
C ALA A 408 3.21 -13.56 7.45
N ALA A 409 3.15 -13.56 6.12
CA ALA A 409 4.20 -14.17 5.31
C ALA A 409 5.53 -13.43 5.47
N ILE A 410 5.47 -12.11 5.41
CA ILE A 410 6.68 -11.28 5.60
C ILE A 410 7.24 -11.47 7.01
N TYR A 411 6.35 -11.50 8.00
CA TYR A 411 6.73 -11.74 9.38
C TYR A 411 7.56 -13.01 9.52
N GLN A 412 7.14 -14.07 8.84
CA GLN A 412 7.85 -15.34 8.91
C GLN A 412 9.11 -15.32 8.06
N LEU A 413 9.03 -14.73 6.87
CA LEU A 413 10.18 -14.63 5.99
C LEU A 413 11.32 -13.81 6.58
N ALA A 414 11.00 -12.87 7.47
CA ALA A 414 12.04 -12.03 8.08
C ALA A 414 12.89 -12.82 9.09
N GLY A 415 12.38 -13.96 9.53
CA GLY A 415 13.18 -14.89 10.31
C GLY A 415 13.24 -14.61 11.80
N GLN A 416 14.10 -15.36 12.48
CA GLN A 416 14.24 -15.26 13.91
C GLN A 416 15.06 -14.03 14.25
N ASN A 417 14.94 -13.55 15.49
CA ASN A 417 15.80 -12.48 15.97
C ASN A 417 15.54 -11.17 15.26
N TYR A 418 14.28 -10.75 15.27
CA TYR A 418 13.94 -9.41 14.80
C TYR A 418 14.69 -8.36 15.62
N TYR A 419 15.11 -7.28 14.95
CA TYR A 419 15.62 -6.08 15.62
C TYR A 419 14.94 -4.89 14.94
N PRO A 420 14.64 -3.83 15.70
CA PRO A 420 13.81 -2.72 15.17
C PRO A 420 14.17 -2.23 13.75
N GLY A 421 15.47 -2.06 13.51
CA GLY A 421 15.95 -1.60 12.22
C GLY A 421 16.05 -2.65 11.13
N GLN A 422 15.47 -3.83 11.37
CA GLN A 422 15.49 -4.86 10.33
C GLN A 422 14.50 -4.50 9.23
N TYR A 423 13.28 -4.14 9.63
CA TYR A 423 12.23 -3.78 8.69
C TYR A 423 11.08 -3.16 9.44
N GLU A 424 10.12 -2.62 8.70
CA GLU A 424 8.88 -2.16 9.31
C GLU A 424 7.73 -2.52 8.36
N PHE A 425 6.51 -2.51 8.88
CA PHE A 425 5.32 -2.58 8.05
C PHE A 425 4.84 -1.16 7.78
N GLN A 426 3.94 -0.99 6.82
CA GLN A 426 3.31 0.30 6.54
C GLN A 426 1.86 0.10 6.13
N CYS A 427 1.04 1.13 6.35
CA CYS A 427 -0.37 1.08 5.95
C CYS A 427 -0.85 2.48 5.59
N LEU A 428 -2.02 2.55 4.96
CA LEU A 428 -2.62 3.85 4.64
C LEU A 428 -3.57 4.26 5.75
N HIS A 429 -3.52 5.54 6.12
CA HIS A 429 -4.51 6.08 7.05
C HIS A 429 -5.93 5.77 6.58
N GLY A 430 -6.77 5.30 7.51
CA GLY A 430 -8.16 5.04 7.22
C GLY A 430 -8.40 3.63 6.69
N MET A 431 -7.31 2.88 6.54
CA MET A 431 -7.42 1.49 6.07
C MET A 431 -6.71 0.49 6.98
N GLY A 432 -5.51 0.82 7.42
CA GLY A 432 -4.67 -0.19 8.05
C GLY A 432 -4.70 -0.25 9.56
N GLU A 433 -5.17 0.80 10.21
CA GLU A 433 -5.02 0.89 11.66
C GLU A 433 -5.61 -0.30 12.43
N PRO A 434 -6.81 -0.76 12.04
CA PRO A 434 -7.41 -1.88 12.75
C PRO A 434 -6.57 -3.15 12.71
N LEU A 435 -6.07 -3.51 11.54
CA LEU A 435 -5.22 -4.69 11.41
C LEU A 435 -3.92 -4.51 12.23
N TYR A 436 -3.32 -3.34 12.13
CA TYR A 436 -2.02 -3.13 12.78
C TYR A 436 -2.11 -2.87 14.28
N GLU A 437 -3.32 -2.64 14.77
CA GLU A 437 -3.53 -2.61 16.22
C GLU A 437 -3.16 -3.97 16.84
N GLN A 438 -3.16 -5.02 16.03
CA GLN A 438 -2.75 -6.34 16.51
C GLN A 438 -1.25 -6.54 16.39
N VAL A 439 -0.57 -5.60 15.74
CA VAL A 439 0.81 -5.82 15.32
C VAL A 439 1.80 -4.96 16.08
N THR A 440 1.52 -3.65 16.09
CA THR A 440 2.37 -2.69 16.76
C THR A 440 1.94 -2.60 18.23
N GLY A 441 2.89 -2.78 19.14
CA GLY A 441 2.55 -2.79 20.55
C GLY A 441 3.29 -3.90 21.28
N LYS A 442 3.08 -3.98 22.59
CA LYS A 442 3.80 -4.93 23.44
C LYS A 442 3.31 -6.37 23.28
N VAL A 443 4.25 -7.31 23.37
CA VAL A 443 3.90 -8.73 23.34
C VAL A 443 3.02 -9.09 24.54
N ALA A 444 3.21 -8.39 25.64
CA ALA A 444 2.43 -8.63 26.85
C ALA A 444 0.97 -8.23 26.63
N ASP A 445 0.75 -7.35 25.67
CA ASP A 445 -0.60 -6.92 25.35
C ASP A 445 -1.17 -7.74 24.20
N GLY A 446 -0.46 -8.79 23.82
CA GLY A 446 -0.92 -9.71 22.80
C GLY A 446 -0.61 -9.28 21.38
N LYS A 447 0.31 -8.32 21.22
CA LYS A 447 0.69 -7.84 19.90
C LYS A 447 1.99 -8.49 19.44
N LEU A 448 2.32 -8.31 18.16
CA LEU A 448 3.51 -8.90 17.56
C LEU A 448 4.77 -8.08 17.84
N ASN A 449 4.59 -6.84 18.28
CA ASN A 449 5.73 -5.98 18.57
C ASN A 449 6.56 -5.73 17.31
N ARG A 450 5.88 -5.35 16.23
CA ARG A 450 6.54 -4.92 15.01
C ARG A 450 6.02 -3.55 14.65
N PRO A 451 6.92 -2.64 14.24
CA PRO A 451 6.57 -1.24 13.95
C PRO A 451 5.78 -1.11 12.66
N CYS A 452 4.87 -0.15 12.66
CA CYS A 452 4.11 0.17 11.45
C CYS A 452 4.11 1.66 11.22
N ARG A 453 4.39 2.08 9.99
CA ARG A 453 4.37 3.49 9.62
C ARG A 453 3.12 3.77 8.81
N ILE A 454 2.31 4.72 9.28
CA ILE A 454 1.07 5.10 8.61
C ILE A 454 1.35 6.20 7.59
N SER A 455 0.89 6.00 6.36
CA SER A 455 0.97 7.03 5.34
C SER A 455 -0.22 7.95 5.54
N ALA A 456 0.05 9.23 5.74
CA ALA A 456 -0.95 10.19 6.20
C ALA A 456 -1.12 11.30 5.17
N PRO A 457 -2.21 11.23 4.38
CA PRO A 457 -2.42 12.28 3.38
C PRO A 457 -2.69 13.62 4.02
N VAL A 458 -2.06 14.66 3.48
CA VAL A 458 -2.24 16.02 3.95
C VAL A 458 -2.65 16.91 2.79
N GLY A 459 -3.80 17.57 2.92
CA GLY A 459 -4.29 18.47 1.89
C GLY A 459 -5.76 18.83 2.00
N THR A 460 -6.18 19.83 1.23
CA THR A 460 -7.57 20.26 1.22
C THR A 460 -8.33 19.53 0.11
N HIS A 461 -9.64 19.79 0.00
CA HIS A 461 -10.45 19.13 -1.01
C HIS A 461 -9.89 19.33 -2.42
N GLU A 462 -9.19 20.43 -2.63
CA GLU A 462 -8.71 20.78 -3.97
C GLU A 462 -7.61 19.85 -4.50
N THR A 463 -7.04 19.03 -3.62
CA THR A 463 -5.94 18.15 -4.01
C THR A 463 -6.27 16.68 -3.85
N LEU A 464 -7.50 16.38 -3.47
CA LEU A 464 -7.88 15.05 -2.98
C LEU A 464 -8.40 14.07 -4.04
N LEU A 465 -8.92 14.61 -5.15
CA LEU A 465 -9.65 13.76 -6.12
C LEU A 465 -8.96 12.47 -6.56
N ALA A 466 -7.77 12.57 -7.16
CA ALA A 466 -7.14 11.37 -7.72
C ALA A 466 -6.83 10.32 -6.65
N TYR A 467 -6.37 10.79 -5.49
CA TYR A 467 -6.08 9.88 -4.37
C TYR A 467 -7.34 9.13 -3.94
N LEU A 468 -8.42 9.87 -3.79
CA LEU A 468 -9.69 9.30 -3.39
C LEU A 468 -10.16 8.24 -4.37
N VAL A 469 -10.09 8.55 -5.67
CA VAL A 469 -10.47 7.58 -6.68
C VAL A 469 -9.65 6.28 -6.56
N ARG A 470 -8.34 6.40 -6.39
CA ARG A 470 -7.53 5.20 -6.17
C ARG A 470 -7.98 4.41 -4.94
N ARG A 471 -8.36 5.10 -3.87
CA ARG A 471 -8.87 4.42 -2.67
C ARG A 471 -10.21 3.72 -2.92
N LEU A 472 -11.06 4.34 -3.76
CA LEU A 472 -12.33 3.70 -4.09
C LEU A 472 -12.07 2.40 -4.85
N LEU A 473 -11.13 2.45 -5.78
CA LEU A 473 -10.84 1.28 -6.61
C LEU A 473 -10.25 0.17 -5.76
N GLU A 474 -9.36 0.56 -4.84
CA GLU A 474 -8.74 -0.38 -3.92
C GLU A 474 -9.76 -1.04 -2.99
N ASN A 475 -10.60 -0.22 -2.35
CA ASN A 475 -11.57 -0.74 -1.40
C ASN A 475 -12.72 -1.49 -2.05
N GLY A 476 -13.03 -1.13 -3.29
CA GLY A 476 -14.22 -1.64 -3.95
C GLY A 476 -14.01 -2.87 -4.82
N ALA A 477 -12.76 -3.19 -5.10
CA ALA A 477 -12.42 -4.34 -5.95
C ALA A 477 -12.71 -5.66 -5.23
N ASN A 478 -13.41 -6.57 -5.91
CA ASN A 478 -13.77 -7.84 -5.31
C ASN A 478 -12.53 -8.70 -5.03
N THR A 479 -11.40 -8.33 -5.64
CA THR A 479 -10.14 -9.04 -5.43
C THR A 479 -9.34 -8.52 -4.23
N SER A 480 -9.71 -7.36 -3.70
CA SER A 480 -8.95 -6.77 -2.59
C SER A 480 -9.24 -7.48 -1.28
N PHE A 481 -8.18 -7.75 -0.52
CA PHE A 481 -8.31 -8.32 0.81
C PHE A 481 -9.27 -7.52 1.67
N VAL A 482 -9.17 -6.19 1.65
CA VAL A 482 -10.02 -5.35 2.50
C VAL A 482 -11.50 -5.45 2.10
N ASN A 483 -11.76 -5.85 0.86
CA ASN A 483 -13.13 -6.06 0.40
C ASN A 483 -13.61 -7.43 0.83
N ARG A 484 -12.75 -8.43 0.61
CA ARG A 484 -13.09 -9.82 0.93
C ARG A 484 -13.22 -10.12 2.43
N ILE A 485 -12.42 -9.46 3.26
CA ILE A 485 -12.52 -9.72 4.70
C ILE A 485 -13.85 -9.24 5.27
N ALA A 486 -14.46 -8.28 4.58
CA ALA A 486 -15.73 -7.71 5.02
C ALA A 486 -16.90 -8.65 4.69
N ASP A 487 -16.62 -9.63 3.85
CA ASP A 487 -17.62 -10.62 3.44
C ASP A 487 -17.63 -11.81 4.41
N THR A 488 -18.57 -11.82 5.34
CA THR A 488 -18.65 -12.90 6.33
C THR A 488 -18.98 -14.25 5.68
N SER A 489 -19.35 -14.21 4.41
CA SER A 489 -19.68 -15.41 3.65
C SER A 489 -18.43 -16.13 3.15
N LEU A 490 -17.34 -15.40 2.96
CA LEU A 490 -16.10 -15.97 2.46
C LEU A 490 -15.28 -16.55 3.61
N PRO A 491 -15.03 -17.87 3.58
CA PRO A 491 -14.33 -18.52 4.69
C PRO A 491 -12.94 -17.94 4.90
N LEU A 492 -12.50 -17.88 6.15
CA LEU A 492 -11.20 -17.30 6.49
C LEU A 492 -10.06 -17.98 5.76
N ASP A 493 -10.09 -19.32 5.70
CA ASP A 493 -9.04 -20.08 5.02
C ASP A 493 -8.89 -19.68 3.55
N GLU A 494 -9.98 -19.36 2.87
CA GLU A 494 -9.91 -18.89 1.49
C GLU A 494 -9.35 -17.46 1.44
N LEU A 495 -9.74 -16.65 2.41
CA LEU A 495 -9.26 -15.27 2.47
C LEU A 495 -7.73 -15.20 2.55
N VAL A 496 -7.16 -16.06 3.40
CA VAL A 496 -5.71 -16.04 3.64
C VAL A 496 -4.96 -17.13 2.88
N ALA A 497 -5.58 -17.61 1.80
CA ALA A 497 -5.00 -18.68 0.99
C ALA A 497 -3.63 -18.30 0.44
N ASP A 498 -2.69 -19.25 0.47
CA ASP A 498 -1.35 -19.03 -0.07
C ASP A 498 -1.42 -18.76 -1.57
N PRO A 499 -0.82 -17.65 -2.02
CA PRO A 499 -0.86 -17.24 -3.45
C PRO A 499 -0.08 -18.17 -4.36
N VAL A 500 1.05 -18.71 -3.90
CA VAL A 500 1.81 -19.66 -4.72
C VAL A 500 0.96 -20.90 -5.00
N THR A 501 0.33 -21.43 -3.96
CA THR A 501 -0.53 -22.60 -4.12
C THR A 501 -1.71 -22.26 -5.04
N ALA A 502 -2.23 -21.05 -4.90
CA ALA A 502 -3.34 -20.61 -5.74
C ALA A 502 -2.94 -20.59 -7.21
N VAL A 503 -1.73 -20.13 -7.48
CA VAL A 503 -1.22 -20.07 -8.85
C VAL A 503 -1.01 -21.47 -9.43
N GLU A 504 -0.54 -22.40 -8.60
CA GLU A 504 -0.34 -23.77 -9.05
C GLU A 504 -1.69 -24.45 -9.32
N LYS A 505 -2.69 -24.09 -8.53
CA LYS A 505 -4.05 -24.60 -8.72
C LYS A 505 -4.61 -24.15 -10.08
N LEU A 506 -4.44 -22.87 -10.40
CA LEU A 506 -4.87 -22.36 -11.71
C LEU A 506 -4.14 -23.08 -12.83
N ALA A 507 -2.85 -23.32 -12.64
CA ALA A 507 -2.00 -23.92 -13.66
C ALA A 507 -2.44 -25.33 -13.98
N GLN A 508 -2.80 -26.08 -12.95
CA GLN A 508 -3.28 -27.46 -13.12
C GLN A 508 -4.60 -27.47 -13.88
N GLN A 509 -5.45 -26.49 -13.61
CA GLN A 509 -6.75 -26.41 -14.27
C GLN A 509 -6.65 -25.93 -15.72
N GLU A 510 -5.75 -24.99 -15.96
CA GLU A 510 -5.72 -24.27 -17.23
C GLU A 510 -4.74 -24.81 -18.26
N GLY A 511 -3.79 -25.61 -17.81
CA GLY A 511 -2.87 -26.25 -18.74
C GLY A 511 -1.49 -25.64 -18.79
N GLN A 512 -1.31 -24.52 -18.11
CA GLN A 512 0.01 -23.92 -17.95
C GLN A 512 0.02 -22.80 -16.92
N THR A 513 1.22 -22.47 -16.47
CA THR A 513 1.37 -21.53 -15.36
C THR A 513 1.42 -20.09 -15.83
N GLY A 514 0.70 -19.23 -15.11
CA GLY A 514 0.79 -17.80 -15.34
C GLY A 514 0.04 -17.29 -16.55
N LEU A 515 -1.02 -17.98 -16.95
CA LEU A 515 -1.83 -17.45 -18.04
C LEU A 515 -2.47 -16.12 -17.63
N PRO A 516 -2.61 -15.19 -18.59
CA PRO A 516 -3.29 -13.92 -18.31
C PRO A 516 -4.74 -14.09 -17.87
N HIS A 517 -5.28 -13.05 -17.24
CA HIS A 517 -6.68 -13.01 -16.86
C HIS A 517 -7.49 -13.29 -18.12
N PRO A 518 -8.46 -14.22 -18.02
CA PRO A 518 -9.27 -14.63 -19.18
C PRO A 518 -10.02 -13.45 -19.79
N LYS A 519 -10.26 -12.41 -18.99
CA LYS A 519 -11.03 -11.27 -19.45
C LYS A 519 -10.13 -10.10 -19.86
N ILE A 520 -8.82 -10.31 -19.80
CA ILE A 520 -7.87 -9.27 -20.18
C ILE A 520 -6.86 -9.78 -21.22
N PRO A 521 -7.30 -9.87 -22.48
CA PRO A 521 -6.45 -10.34 -23.57
C PRO A 521 -5.37 -9.31 -23.86
N LEU A 522 -4.34 -9.70 -24.61
CA LEU A 522 -3.28 -8.77 -25.00
C LEU A 522 -3.84 -7.58 -25.77
N PRO A 523 -3.22 -6.41 -25.60
CA PRO A 523 -3.68 -5.18 -26.25
C PRO A 523 -3.91 -5.36 -27.76
N ARG A 524 -3.03 -6.11 -28.42
CA ARG A 524 -3.13 -6.28 -29.87
C ARG A 524 -4.17 -7.33 -30.27
N ASP A 525 -4.94 -7.79 -29.29
CA ASP A 525 -5.99 -8.78 -29.55
C ASP A 525 -7.39 -8.22 -29.29
#